data_2XJP
#
_entry.id   2XJP
#
_cell.length_a   46.280
_cell.length_b   61.820
_cell.length_c   106.260
_cell.angle_alpha   90.00
_cell.angle_beta   90.00
_cell.angle_gamma   90.00
#
_symmetry.space_group_name_H-M   'P 21 21 21'
#
loop_
_entity.id
_entity.type
_entity.pdbx_description
1 polymer 'FLOCCULATION PROTEIN FLO5'
2 non-polymer 'CALCIUM ION'
3 non-polymer 'SODIUM ION'
4 non-polymer 'CHLORIDE ION'
5 non-polymer alpha-D-mannopyranose
6 non-polymer beta-D-mannopyranose
7 water water
#
_entity_poly.entity_id   1
_entity_poly.type   'polypeptide(L)'
_entity_poly.pdbx_seq_one_letter_code
;GLVPRGSHMSGATEACLPAGQRKSGMNINFYQYSLKDSSTYSNAAYMAYGYASKTKLGSVGGQTDISIDYNIPCVSSSGT
FPCPQEDSYGNWGCKGMGACSNSQGIAYWSTDLFGFYTTPTNVTLEMTGYFLPPQTGSYTFSFATVDDSAILSVGGSIAF
ECCAQEQPPITSTNFTINGIKPWDGSLPDNITGTVYMYAGYYYPLKVVYSNAVSWGTLPISVELPDGTTVSDNFEGYVYS
FDDDLSQSNCTIPDPSIH
;
_entity_poly.pdbx_strand_id   A
#
loop_
_chem_comp.id
_chem_comp.type
_chem_comp.name
_chem_comp.formula
BMA D-saccharide, beta linking beta-D-mannopyranose 'C6 H12 O6'
CA non-polymer 'CALCIUM ION' 'Ca 2'
CL non-polymer 'CHLORIDE ION' 'Cl -1'
MAN D-saccharide, alpha linking alpha-D-mannopyranose 'C6 H12 O6'
NA non-polymer 'SODIUM ION' 'Na 1'
#
# COMPACT_ATOMS: atom_id res chain seq x y z
N GLY A 1 13.17 -35.45 14.95
CA GLY A 1 12.04 -36.03 14.17
C GLY A 1 12.31 -35.95 12.68
N LEU A 2 11.67 -36.78 11.87
CA LEU A 2 11.83 -36.83 10.46
CA LEU A 2 12.01 -36.77 10.44
C LEU A 2 11.41 -35.53 9.76
N VAL A 3 10.33 -34.96 10.28
CA VAL A 3 9.69 -33.81 9.65
C VAL A 3 9.61 -32.69 10.68
N PRO A 4 9.54 -31.45 10.21
CA PRO A 4 9.30 -30.37 11.14
C PRO A 4 7.89 -30.46 11.69
N ARG A 5 7.69 -29.87 12.85
CA ARG A 5 6.44 -29.98 13.59
C ARG A 5 5.39 -28.99 13.13
N GLY A 6 5.80 -27.90 12.51
CA GLY A 6 4.91 -26.88 12.03
C GLY A 6 4.72 -25.78 13.04
N SER A 7 4.34 -24.61 12.54
CA SER A 7 4.03 -23.51 13.41
C SER A 7 2.86 -23.88 14.33
N HIS A 8 2.93 -23.40 15.55
CA HIS A 8 1.96 -23.73 16.57
C HIS A 8 0.59 -23.20 16.20
N MET A 9 -0.43 -23.97 16.54
CA MET A 9 -1.82 -23.56 16.44
C MET A 9 -2.13 -23.02 15.04
N SER A 10 -1.62 -23.73 14.04
CA SER A 10 -1.84 -23.36 12.65
C SER A 10 -1.45 -21.90 12.36
N GLY A 11 -0.40 -21.39 13.01
CA GLY A 11 -0.08 -19.96 12.97
C GLY A 11 0.73 -19.50 11.77
N ALA A 12 1.18 -20.39 10.89
CA ALA A 12 1.92 -19.93 9.72
C ALA A 12 1.01 -19.12 8.81
N THR A 13 1.56 -18.09 8.20
CA THR A 13 0.83 -17.28 7.24
C THR A 13 0.61 -18.07 5.96
N GLU A 14 -0.61 -18.06 5.44
CA GLU A 14 -0.94 -18.74 4.19
C GLU A 14 -0.22 -18.09 3.03
N ALA A 15 0.30 -18.92 2.13
CA ALA A 15 0.96 -18.46 0.93
C ALA A 15 0.41 -19.21 -0.26
N CYS A 16 1.05 -19.02 -1.42
CA CYS A 16 0.50 -19.43 -2.71
CA CYS A 16 0.57 -19.79 -2.54
C CYS A 16 1.62 -19.94 -3.61
N LEU A 17 1.27 -20.77 -4.57
CA LEU A 17 2.20 -21.15 -5.66
C LEU A 17 1.45 -21.04 -6.99
N PRO A 18 1.21 -19.83 -7.49
CA PRO A 18 0.53 -19.66 -8.77
C PRO A 18 1.37 -20.26 -9.88
N ALA A 19 0.72 -20.97 -10.80
CA ALA A 19 1.41 -21.69 -11.87
C ALA A 19 1.48 -20.91 -13.17
N GLY A 20 0.80 -19.79 -13.26
CA GLY A 20 0.73 -19.05 -14.50
C GLY A 20 1.90 -18.12 -14.72
N GLN A 21 1.75 -17.28 -15.72
CA GLN A 21 2.81 -16.37 -16.11
C GLN A 21 2.98 -15.25 -15.10
N ARG A 22 4.16 -15.19 -14.52
CA ARG A 22 4.47 -14.15 -13.56
C ARG A 22 4.76 -12.83 -14.27
N LYS A 23 4.31 -11.73 -13.69
CA LYS A 23 4.48 -10.36 -14.16
CA LYS A 23 4.60 -10.40 -14.18
CA LYS A 23 4.62 -10.42 -14.20
C LYS A 23 5.24 -9.60 -13.06
N SER A 24 6.24 -8.80 -13.40
CA SER A 24 6.90 -7.97 -12.37
CA SER A 24 6.92 -7.93 -12.42
CA SER A 24 6.91 -7.91 -12.45
C SER A 24 5.98 -6.84 -11.93
N GLY A 25 5.95 -6.61 -10.63
CA GLY A 25 5.26 -5.46 -10.06
C GLY A 25 3.86 -5.75 -9.56
N MET A 26 3.31 -4.70 -8.95
CA MET A 26 2.01 -4.61 -8.29
CA MET A 26 1.98 -4.72 -8.38
C MET A 26 1.00 -4.01 -9.27
N ASN A 27 -0.27 -4.41 -9.13
CA ASN A 27 -1.38 -3.71 -9.75
C ASN A 27 -1.85 -2.60 -8.80
N ILE A 28 -2.15 -1.45 -9.36
CA ILE A 28 -2.68 -0.32 -8.59
C ILE A 28 -4.03 0.04 -9.16
N ASN A 29 -5.07 -0.11 -8.34
CA ASN A 29 -6.42 0.35 -8.65
C ASN A 29 -6.68 1.68 -7.90
N PHE A 30 -7.37 2.59 -8.56
CA PHE A 30 -7.68 3.89 -8.01
C PHE A 30 -9.18 4.05 -7.87
N TYR A 31 -9.61 4.60 -6.74
CA TYR A 31 -11.01 4.81 -6.46
CA TYR A 31 -10.98 4.74 -6.36
C TYR A 31 -11.27 6.18 -5.91
N GLN A 32 -12.50 6.63 -6.13
CA GLN A 32 -12.92 7.96 -5.73
C GLN A 32 -12.85 8.11 -4.22
N TYR A 33 -12.38 9.30 -3.78
CA TYR A 33 -12.43 9.65 -2.39
CA TYR A 33 -12.31 9.69 -2.38
C TYR A 33 -12.61 11.19 -2.36
N SER A 34 -13.55 11.64 -1.51
CA SER A 34 -13.97 13.02 -1.53
C SER A 34 -12.96 13.96 -0.90
N LEU A 35 -12.70 15.07 -1.56
CA LEU A 35 -11.82 16.09 -1.04
C LEU A 35 -12.31 16.53 0.32
N LYS A 36 -11.39 16.54 1.29
CA LYS A 36 -11.60 17.03 2.65
C LYS A 36 -12.56 16.15 3.45
N ASP A 37 -12.82 14.91 3.03
CA ASP A 37 -13.56 13.95 3.86
C ASP A 37 -12.58 13.37 4.85
N SER A 38 -12.72 13.80 6.10
CA SER A 38 -11.81 13.39 7.16
C SER A 38 -12.40 12.32 8.05
N SER A 39 -13.42 11.62 7.56
CA SER A 39 -13.96 10.54 8.34
CA SER A 39 -14.06 10.56 8.31
CA SER A 39 -14.14 10.58 8.27
C SER A 39 -13.96 9.19 7.64
N THR A 40 -14.32 9.09 6.35
N THR A 40 -14.00 9.22 6.31
CA THR A 40 -14.53 7.77 5.74
CA THR A 40 -13.94 7.99 5.56
C THR A 40 -13.31 6.85 5.91
C THR A 40 -12.54 7.37 5.70
N TYR A 41 -12.13 7.40 5.73
N TYR A 41 -11.49 8.19 5.63
CA TYR A 41 -10.89 6.64 5.79
CA TYR A 41 -10.11 7.67 5.54
C TYR A 41 -10.48 6.23 7.21
C TYR A 41 -9.68 6.96 6.83
N SER A 42 -11.31 6.53 8.20
N SER A 42 -10.53 7.05 7.86
CA SER A 42 -11.06 6.10 9.59
CA SER A 42 -10.32 6.38 9.16
C SER A 42 -11.72 4.76 9.96
C SER A 42 -11.13 5.12 9.61
N ASN A 43 -12.50 4.20 9.04
N ASN A 43 -12.15 4.64 8.87
CA ASN A 43 -13.25 2.94 9.28
CA ASN A 43 -12.85 3.37 9.21
C ASN A 43 -12.47 1.76 8.69
C ASN A 43 -12.15 2.11 8.67
N ALA A 44 -12.19 0.76 9.53
N ALA A 44 -12.26 0.99 9.38
CA ALA A 44 -11.51 -0.45 9.10
CA ALA A 44 -11.51 -0.19 8.97
C ALA A 44 -12.18 -1.07 7.91
C ALA A 44 -12.18 -1.07 7.91
N ALA A 45 -13.51 -1.15 7.90
CA ALA A 45 -14.21 -1.81 6.82
C ALA A 45 -13.93 -1.05 5.52
N TYR A 46 -13.92 0.28 5.56
CA TYR A 46 -13.62 1.08 4.38
C TYR A 46 -12.22 0.76 3.85
N MET A 47 -11.24 0.76 4.74
CA MET A 47 -9.87 0.56 4.30
C MET A 47 -9.57 -0.87 3.87
N ALA A 48 -10.31 -1.84 4.41
CA ALA A 48 -10.13 -3.23 4.01
C ALA A 48 -10.80 -3.57 2.69
N TYR A 49 -11.96 -2.99 2.47
N TYR A 49 -12.03 -3.12 2.47
CA TYR A 49 -12.75 -3.43 1.34
CA TYR A 49 -12.77 -3.43 1.22
C TYR A 49 -13.73 -2.37 0.82
C TYR A 49 -13.82 -2.40 0.78
N GLY A 50 -14.27 -1.54 1.70
CA GLY A 50 -15.31 -0.62 1.33
C GLY A 50 -14.91 0.39 0.26
N TYR A 51 -13.60 0.66 0.16
CA TYR A 51 -13.15 1.53 -0.88
C TYR A 51 -13.63 1.13 -2.27
N ALA A 52 -13.76 -0.19 -2.50
CA ALA A 52 -14.09 -0.67 -3.83
C ALA A 52 -15.59 -0.56 -4.15
N SER A 53 -16.36 -0.06 -3.17
CA SER A 53 -17.76 0.26 -3.43
CA SER A 53 -17.76 0.27 -3.44
C SER A 53 -17.92 1.67 -4.01
N LYS A 54 -16.85 2.46 -4.00
CA LYS A 54 -16.76 3.78 -4.64
CA LYS A 54 -16.88 3.76 -4.67
CA LYS A 54 -16.87 3.76 -4.66
C LYS A 54 -16.46 3.61 -6.13
N THR A 55 -16.62 4.66 -6.92
CA THR A 55 -16.30 4.57 -8.32
C THR A 55 -14.82 4.23 -8.49
N LYS A 56 -14.57 3.25 -9.33
CA LYS A 56 -13.22 2.92 -9.77
C LYS A 56 -12.81 3.88 -10.88
N LEU A 57 -11.72 4.57 -10.66
CA LEU A 57 -11.23 5.58 -11.57
C LEU A 57 -10.36 5.02 -12.70
N GLY A 58 -9.64 3.94 -12.43
CA GLY A 58 -8.74 3.34 -13.39
C GLY A 58 -7.70 2.51 -12.66
N SER A 59 -6.67 2.12 -13.40
CA SER A 59 -5.64 1.28 -12.82
CA SER A 59 -5.68 1.14 -12.93
C SER A 59 -4.39 1.33 -13.67
N VAL A 60 -3.31 0.91 -13.03
CA VAL A 60 -2.07 0.69 -13.74
CA VAL A 60 -1.97 0.79 -13.64
C VAL A 60 -1.43 -0.57 -13.16
N GLY A 61 -0.76 -1.29 -14.00
CA GLY A 61 -0.09 -2.53 -13.60
C GLY A 61 1.41 -2.41 -13.61
N GLY A 62 2.04 -3.48 -13.10
CA GLY A 62 3.46 -3.62 -13.24
C GLY A 62 4.32 -2.64 -12.46
N GLN A 63 3.84 -2.18 -11.31
CA GLN A 63 4.53 -1.15 -10.55
C GLN A 63 5.43 -1.76 -9.48
N THR A 64 6.72 -1.44 -9.54
CA THR A 64 7.67 -1.93 -8.57
C THR A 64 8.12 -0.88 -7.57
N ASP A 65 8.00 0.40 -7.93
CA ASP A 65 8.33 1.51 -7.05
C ASP A 65 7.01 1.99 -6.46
N ILE A 66 6.80 1.73 -5.18
CA ILE A 66 5.48 1.78 -4.58
C ILE A 66 5.29 2.81 -3.49
N SER A 67 6.32 3.54 -3.08
CA SER A 67 6.11 4.58 -2.09
C SER A 67 5.40 5.78 -2.69
N ILE A 68 4.71 6.51 -1.82
CA ILE A 68 4.00 7.72 -2.25
CA ILE A 68 3.86 7.67 -2.14
C ILE A 68 4.63 8.91 -1.58
N ASP A 69 4.85 9.92 -2.40
CA ASP A 69 5.39 11.22 -1.93
C ASP A 69 4.84 12.29 -2.84
N TYR A 70 3.60 12.69 -2.60
CA TYR A 70 2.87 13.65 -3.40
C TYR A 70 2.93 15.03 -2.70
N ASN A 71 3.38 16.01 -3.46
CA ASN A 71 3.50 17.39 -3.02
CA ASN A 71 3.47 17.37 -2.99
C ASN A 71 2.60 18.27 -3.86
N ILE A 72 1.79 19.12 -3.23
CA ILE A 72 0.93 20.02 -3.97
C ILE A 72 1.75 21.10 -4.66
N PRO A 73 1.16 21.71 -5.69
CA PRO A 73 1.82 22.84 -6.35
C PRO A 73 1.87 24.06 -5.45
N CYS A 74 2.92 24.87 -5.67
CA CYS A 74 2.99 26.27 -5.27
C CYS A 74 3.02 27.10 -6.54
N VAL A 75 1.99 27.90 -6.75
CA VAL A 75 1.92 28.83 -7.87
C VAL A 75 2.64 30.10 -7.44
N SER A 76 3.92 30.13 -7.82
N SER A 76 3.57 30.53 -8.30
CA SER A 76 4.90 31.08 -7.36
CA SER A 76 4.28 31.82 -8.16
C SER A 76 5.17 32.16 -8.41
C SER A 76 4.38 32.51 -9.51
N SER A 77 5.95 33.15 -8.01
N SER A 77 4.88 33.75 -9.54
CA SER A 77 6.38 34.21 -8.91
CA SER A 77 5.14 34.42 -10.81
C SER A 77 7.15 33.72 -10.11
C SER A 77 6.22 33.78 -11.68
N SER A 78 7.82 32.60 -9.96
N SER A 78 7.11 32.98 -11.09
CA SER A 78 8.63 32.06 -11.03
CA SER A 78 8.26 32.37 -11.77
C SER A 78 8.02 30.88 -11.76
C SER A 78 7.85 30.97 -12.16
N GLY A 79 6.74 30.53 -11.57
CA GLY A 79 6.11 29.39 -12.16
C GLY A 79 5.51 28.50 -11.09
N THR A 80 5.01 27.36 -11.53
CA THR A 80 4.32 26.42 -10.66
C THR A 80 5.23 25.22 -10.44
N PHE A 81 5.52 24.95 -9.17
CA PHE A 81 6.46 23.88 -8.79
C PHE A 81 5.92 23.17 -7.55
N PRO A 82 6.22 21.88 -7.40
CA PRO A 82 5.71 21.14 -6.23
C PRO A 82 6.42 21.61 -4.97
N CYS A 83 5.71 21.70 -3.87
CA CYS A 83 6.30 22.18 -2.61
CA CYS A 83 6.32 22.16 -2.63
C CYS A 83 6.42 21.04 -1.61
N PRO A 84 7.64 20.67 -1.18
CA PRO A 84 7.77 19.72 -0.07
C PRO A 84 7.07 20.27 1.16
N GLN A 85 6.28 19.47 1.88
CA GLN A 85 5.48 20.03 2.94
C GLN A 85 6.32 20.73 4.01
N GLU A 86 7.47 20.18 4.31
CA GLU A 86 8.33 20.77 5.32
C GLU A 86 8.88 22.14 4.93
N ASP A 87 8.81 22.49 3.63
CA ASP A 87 9.24 23.78 3.14
C ASP A 87 8.09 24.77 3.07
N SER A 88 6.85 24.34 3.32
CA SER A 88 5.72 25.25 3.32
C SER A 88 5.73 26.06 4.61
N TYR A 89 5.22 27.28 4.53
CA TYR A 89 5.22 28.16 5.72
C TYR A 89 4.17 29.22 5.51
N GLY A 90 3.79 29.88 6.60
CA GLY A 90 2.90 31.01 6.51
C GLY A 90 1.55 30.67 5.90
N ASN A 91 0.89 31.64 5.27
N ASN A 91 1.05 31.58 5.11
CA ASN A 91 -0.44 31.49 4.64
CA ASN A 91 -0.30 31.41 4.64
C ASN A 91 -0.52 31.86 3.16
C ASN A 91 -0.54 31.76 3.18
N TRP A 92 0.25 31.23 2.26
CA TRP A 92 1.35 30.30 2.47
C TRP A 92 2.40 30.59 1.41
N GLY A 93 3.60 30.13 1.71
CA GLY A 93 4.74 30.18 0.80
C GLY A 93 5.47 28.85 0.85
N CYS A 94 6.44 28.73 -0.06
CA CYS A 94 7.26 27.55 -0.14
CA CYS A 94 7.27 27.51 -0.17
C CYS A 94 8.71 28.01 -0.18
N LYS A 95 9.54 27.52 0.74
CA LYS A 95 10.90 28.02 0.87
CA LYS A 95 10.89 28.03 0.86
CA LYS A 95 10.90 28.03 0.86
C LYS A 95 11.63 27.93 -0.47
N GLY A 96 12.19 29.06 -0.90
CA GLY A 96 12.87 29.16 -2.15
C GLY A 96 11.99 29.59 -3.31
N MET A 97 10.71 29.77 -3.06
CA MET A 97 9.75 30.13 -4.10
C MET A 97 8.98 31.41 -3.78
N GLY A 98 9.01 31.87 -2.53
CA GLY A 98 8.18 32.97 -2.12
C GLY A 98 6.75 32.53 -1.84
N ALA A 99 5.85 33.53 -1.84
CA ALA A 99 4.45 33.25 -1.53
C ALA A 99 3.78 32.48 -2.68
N CYS A 100 2.85 31.63 -2.32
CA CYS A 100 2.10 30.82 -3.28
C CYS A 100 0.68 31.43 -3.36
N SER A 101 0.19 31.62 -4.58
CA SER A 101 -1.11 32.28 -4.72
C SER A 101 -2.31 31.33 -4.68
N ASN A 102 -2.05 30.04 -4.76
CA ASN A 102 -3.07 29.02 -4.89
C ASN A 102 -3.47 28.44 -3.54
N SER A 103 -4.67 27.87 -3.47
CA SER A 103 -5.16 27.30 -2.23
C SER A 103 -4.60 25.93 -1.95
N GLN A 104 -4.27 25.66 -0.69
CA GLN A 104 -3.93 24.29 -0.35
CA GLN A 104 -3.94 24.31 -0.26
C GLN A 104 -5.15 23.38 -0.25
N GLY A 105 -6.35 23.92 -0.29
CA GLY A 105 -7.57 23.16 -0.01
C GLY A 105 -8.43 22.78 -1.20
N ILE A 106 -7.94 22.94 -2.42
CA ILE A 106 -8.64 22.48 -3.61
C ILE A 106 -8.03 21.17 -4.10
N ALA A 107 -8.74 20.48 -5.00
CA ALA A 107 -8.19 19.33 -5.65
C ALA A 107 -7.13 19.73 -6.67
N TYR A 108 -6.14 18.88 -6.86
CA TYR A 108 -5.11 19.06 -7.89
C TYR A 108 -4.98 17.75 -8.67
N TRP A 109 -4.76 17.91 -9.97
CA TRP A 109 -4.60 16.78 -10.90
C TRP A 109 -3.14 16.62 -11.29
N SER A 110 -2.70 15.38 -11.37
N SER A 110 -2.64 15.41 -11.17
CA SER A 110 -1.28 15.08 -11.55
CA SER A 110 -1.34 15.08 -11.77
C SER A 110 -1.16 13.59 -11.89
C SER A 110 -1.24 13.59 -12.08
N THR A 111 -0.06 13.24 -12.57
CA THR A 111 0.31 11.84 -12.78
C THR A 111 1.30 11.30 -11.73
N ASP A 112 1.50 12.04 -10.64
CA ASP A 112 2.46 11.65 -9.61
CA ASP A 112 2.49 11.59 -9.69
C ASP A 112 2.27 10.21 -9.09
N LEU A 113 1.03 9.77 -8.98
CA LEU A 113 0.75 8.42 -8.48
C LEU A 113 0.80 7.46 -9.64
N PHE A 114 1.96 6.85 -9.87
N PHE A 114 2.04 7.06 -9.93
CA PHE A 114 2.08 5.69 -10.79
CA PHE A 114 2.33 5.89 -10.74
C PHE A 114 1.87 6.05 -12.27
C PHE A 114 1.85 6.08 -12.17
N GLY A 115 1.95 7.33 -12.63
CA GLY A 115 1.71 7.76 -13.99
C GLY A 115 0.24 7.89 -14.34
N PHE A 116 -0.66 7.62 -13.40
CA PHE A 116 -2.10 7.65 -13.68
C PHE A 116 -2.63 9.05 -13.37
N TYR A 117 -3.25 9.68 -14.34
CA TYR A 117 -3.73 11.05 -14.16
C TYR A 117 -5.01 11.05 -13.32
N THR A 118 -4.92 11.62 -12.13
CA THR A 118 -6.02 11.64 -11.18
C THR A 118 -5.79 12.82 -10.23
N THR A 119 -6.51 12.83 -9.12
CA THR A 119 -6.40 13.85 -8.09
C THR A 119 -5.68 13.27 -6.88
N PRO A 120 -4.33 13.41 -6.79
CA PRO A 120 -3.64 12.79 -5.65
C PRO A 120 -4.00 13.40 -4.32
N THR A 121 -4.55 14.62 -4.33
CA THR A 121 -5.08 15.26 -3.15
C THR A 121 -6.20 14.49 -2.48
N ASN A 122 -6.93 13.67 -3.27
CA ASN A 122 -8.15 13.08 -2.76
C ASN A 122 -8.45 11.84 -3.61
N VAL A 123 -8.02 10.69 -3.09
CA VAL A 123 -8.10 9.43 -3.82
C VAL A 123 -7.81 8.31 -2.82
N THR A 124 -8.29 7.11 -3.15
CA THR A 124 -7.89 5.89 -2.47
C THR A 124 -7.29 4.96 -3.50
N LEU A 125 -6.28 4.21 -3.12
N LEU A 125 -6.09 4.43 -3.22
CA LEU A 125 -5.74 3.32 -4.12
CA LEU A 125 -5.34 3.42 -4.01
C LEU A 125 -5.36 2.06 -3.39
C LEU A 125 -5.41 2.02 -3.32
N GLU A 126 -5.45 0.99 -4.15
CA GLU A 126 -5.26 -0.39 -3.71
C GLU A 126 -4.12 -0.97 -4.54
N MET A 127 -3.03 -1.36 -3.85
CA MET A 127 -1.91 -2.03 -4.47
C MET A 127 -2.07 -3.51 -4.14
N THR A 128 -2.01 -4.37 -5.17
CA THR A 128 -2.04 -5.82 -4.95
C THR A 128 -0.92 -6.48 -5.73
N GLY A 129 -0.45 -7.59 -5.17
CA GLY A 129 0.55 -8.42 -5.82
C GLY A 129 0.95 -9.49 -4.83
N TYR A 130 2.05 -10.16 -5.15
CA TYR A 130 2.58 -11.21 -4.30
C TYR A 130 4.02 -10.86 -3.98
N PHE A 131 4.36 -10.99 -2.69
CA PHE A 131 5.71 -10.78 -2.22
C PHE A 131 6.43 -12.13 -2.24
N LEU A 132 7.62 -12.14 -2.84
CA LEU A 132 8.42 -13.36 -2.98
C LEU A 132 9.64 -13.23 -2.06
N PRO A 133 9.64 -13.90 -0.90
CA PRO A 133 10.78 -13.84 -0.02
C PRO A 133 11.94 -14.60 -0.62
N PRO A 134 13.15 -14.00 -0.67
CA PRO A 134 14.31 -14.74 -1.12
C PRO A 134 14.92 -15.60 0.00
N GLN A 135 14.61 -15.27 1.24
CA GLN A 135 15.18 -15.80 2.48
CA GLN A 135 15.21 -15.97 2.38
C GLN A 135 14.06 -16.26 3.35
N THR A 136 14.21 -17.37 4.04
CA THR A 136 13.29 -17.76 5.08
C THR A 136 13.59 -17.00 6.37
N GLY A 137 12.57 -16.40 6.97
CA GLY A 137 12.73 -15.73 8.25
C GLY A 137 11.71 -14.64 8.45
N SER A 138 12.00 -13.79 9.44
CA SER A 138 11.10 -12.72 9.81
CA SER A 138 11.09 -12.71 9.80
C SER A 138 11.35 -11.49 8.93
N TYR A 139 10.26 -10.97 8.36
CA TYR A 139 10.28 -9.75 7.55
C TYR A 139 9.49 -8.70 8.31
N THR A 140 10.04 -7.50 8.40
CA THR A 140 9.33 -6.41 9.09
C THR A 140 8.99 -5.35 8.06
N PHE A 141 7.71 -5.20 7.76
CA PHE A 141 7.23 -4.17 6.86
C PHE A 141 7.00 -2.90 7.68
N SER A 142 7.21 -1.75 7.04
CA SER A 142 6.96 -0.50 7.74
CA SER A 142 7.13 -0.45 7.72
CA SER A 142 7.17 -0.44 7.70
C SER A 142 6.49 0.59 6.79
N PHE A 143 5.76 1.50 7.41
CA PHE A 143 5.44 2.80 6.86
C PHE A 143 6.21 3.83 7.71
N ALA A 144 7.04 4.66 7.08
CA ALA A 144 7.80 5.63 7.88
C ALA A 144 6.90 6.68 8.50
N THR A 145 5.85 7.04 7.76
CA THR A 145 4.80 7.93 8.17
C THR A 145 3.58 7.59 7.30
N VAL A 146 2.44 8.21 7.60
CA VAL A 146 1.22 7.99 6.84
C VAL A 146 0.48 9.34 6.74
N ASP A 147 0.17 9.77 5.52
CA ASP A 147 -0.66 10.96 5.30
C ASP A 147 -1.53 10.63 4.10
N ASP A 148 -2.80 10.25 4.24
CA ASP A 148 -3.63 10.35 5.46
CA ASP A 148 -3.63 10.34 5.44
C ASP A 148 -3.89 9.02 6.16
N SER A 149 -4.15 7.93 5.44
CA SER A 149 -4.68 6.68 6.06
CA SER A 149 -4.25 6.68 6.15
C SER A 149 -4.09 5.52 5.21
N ALA A 150 -3.68 4.43 5.85
CA ALA A 150 -3.20 3.29 5.05
C ALA A 150 -3.23 2.02 5.89
N ILE A 151 -3.32 0.90 5.17
CA ILE A 151 -3.09 -0.42 5.74
C ILE A 151 -2.19 -1.20 4.82
N LEU A 152 -1.54 -2.20 5.40
CA LEU A 152 -0.78 -3.20 4.66
C LEU A 152 -1.21 -4.55 5.22
N SER A 153 -1.51 -5.49 4.33
CA SER A 153 -1.91 -6.84 4.71
C SER A 153 -1.08 -7.83 3.92
N VAL A 154 -0.64 -8.89 4.61
CA VAL A 154 0.14 -9.95 4.00
C VAL A 154 -0.50 -11.31 4.33
N GLY A 155 -0.65 -12.12 3.29
CA GLY A 155 -1.06 -13.50 3.47
C GLY A 155 -2.29 -13.87 2.70
N GLY A 156 -2.35 -15.13 2.28
CA GLY A 156 -3.60 -15.66 1.74
C GLY A 156 -4.69 -15.53 2.78
N SER A 157 -5.88 -15.18 2.29
CA SER A 157 -7.05 -14.99 3.13
C SER A 157 -6.98 -13.76 4.02
N ILE A 158 -5.95 -12.94 3.85
CA ILE A 158 -5.78 -11.70 4.60
C ILE A 158 -5.67 -10.55 3.61
N ALA A 159 -4.67 -10.58 2.75
CA ALA A 159 -4.54 -9.61 1.65
C ALA A 159 -5.60 -9.84 0.55
N PHE A 160 -5.69 -11.09 0.08
CA PHE A 160 -6.61 -11.54 -0.94
C PHE A 160 -6.45 -13.08 -1.00
N GLU A 161 -7.23 -13.73 -1.84
CA GLU A 161 -7.15 -15.20 -1.97
C GLU A 161 -6.15 -15.59 -3.04
N CYS A 162 -5.40 -16.67 -2.76
N CYS A 162 -5.49 -16.71 -2.78
CA CYS A 162 -4.42 -17.21 -3.70
CA CYS A 162 -4.50 -17.16 -3.71
C CYS A 162 -5.03 -17.41 -5.10
C CYS A 162 -5.07 -17.38 -5.11
N CYS A 163 -4.29 -16.99 -6.11
CA CYS A 163 -4.67 -17.13 -7.51
CA CYS A 163 -4.66 -17.12 -7.52
C CYS A 163 -5.92 -16.33 -7.87
N ALA A 164 -6.24 -15.34 -7.03
CA ALA A 164 -7.46 -14.52 -7.18
C ALA A 164 -7.12 -13.05 -6.91
N GLN A 165 -5.96 -12.62 -7.38
CA GLN A 165 -5.48 -11.24 -7.18
C GLN A 165 -6.44 -10.20 -7.70
N GLU A 166 -7.15 -10.49 -8.80
CA GLU A 166 -7.95 -9.47 -9.50
C GLU A 166 -9.38 -9.40 -8.97
N GLN A 167 -9.76 -10.21 -8.00
CA GLN A 167 -11.14 -10.26 -7.49
C GLN A 167 -11.47 -9.04 -6.67
N PRO A 168 -12.76 -8.79 -6.40
CA PRO A 168 -13.10 -7.73 -5.45
C PRO A 168 -12.44 -8.03 -4.12
N PRO A 169 -12.19 -7.01 -3.31
CA PRO A 169 -11.46 -7.23 -2.07
C PRO A 169 -12.21 -8.12 -1.12
N ILE A 170 -11.43 -8.89 -0.38
CA ILE A 170 -11.96 -9.70 0.69
C ILE A 170 -12.16 -8.84 1.93
N THR A 171 -12.83 -9.38 2.94
CA THR A 171 -13.27 -8.57 4.04
C THR A 171 -12.39 -8.62 5.27
N SER A 172 -11.26 -9.32 5.21
CA SER A 172 -10.39 -9.38 6.37
C SER A 172 -9.91 -8.02 6.84
N THR A 173 -10.01 -7.77 8.12
CA THR A 173 -9.45 -6.60 8.78
C THR A 173 -8.24 -6.97 9.64
N ASN A 174 -7.65 -8.13 9.39
CA ASN A 174 -6.50 -8.56 10.16
C ASN A 174 -5.21 -7.98 9.58
N PHE A 175 -5.09 -6.65 9.65
CA PHE A 175 -4.05 -5.95 8.94
C PHE A 175 -2.68 -6.31 9.55
N THR A 176 -1.67 -6.35 8.69
CA THR A 176 -0.32 -6.48 9.11
C THR A 176 0.20 -5.15 9.69
N ILE A 177 -0.06 -4.04 9.01
CA ILE A 177 0.15 -2.71 9.50
C ILE A 177 -1.18 -1.99 9.46
N ASN A 178 -1.66 -1.59 10.64
CA ASN A 178 -2.82 -0.72 10.79
C ASN A 178 -2.31 0.72 10.89
N GLY A 179 -2.41 1.45 9.76
CA GLY A 179 -2.01 2.83 9.66
C GLY A 179 -3.30 3.70 9.44
N ILE A 180 -4.46 3.21 9.92
CA ILE A 180 -5.73 3.91 9.72
CA ILE A 180 -5.72 3.90 9.77
C ILE A 180 -5.70 5.21 10.54
N LYS A 181 -6.15 6.30 9.96
CA LYS A 181 -6.19 7.58 10.64
C LYS A 181 -7.13 7.45 11.82
N PRO A 182 -6.66 7.71 13.06
CA PRO A 182 -7.50 7.61 14.24
C PRO A 182 -8.54 8.71 14.21
N TRP A 183 -9.68 8.40 14.83
CA TRP A 183 -10.77 9.35 14.91
C TRP A 183 -10.34 10.66 15.58
N ASP A 184 -9.47 10.53 16.57
CA ASP A 184 -8.97 11.67 17.31
C ASP A 184 -7.58 11.70 16.79
N GLY A 185 -7.26 12.58 15.83
CA GLY A 185 -6.19 12.37 14.84
C GLY A 185 -4.73 12.55 15.25
N SER A 186 -4.28 11.65 16.11
CA SER A 186 -2.91 11.42 16.51
C SER A 186 -2.33 10.50 15.46
N LEU A 187 -1.11 10.03 15.67
N LEU A 187 -1.03 10.51 15.44
CA LEU A 187 -0.67 8.92 14.78
CA LEU A 187 -0.16 9.47 14.85
C LEU A 187 -1.19 7.57 15.25
C LEU A 187 1.18 9.90 14.21
N PRO A 188 -1.27 6.64 14.31
N PRO A 188 1.47 9.48 12.95
CA PRO A 188 -1.61 5.27 14.63
CA PRO A 188 2.56 8.71 12.30
C PRO A 188 -0.65 4.70 15.67
C PRO A 188 4.06 9.04 12.49
N ASP A 189 -1.09 3.68 16.39
N ASP A 189 4.61 8.54 13.60
CA ASP A 189 -0.26 3.09 17.43
CA ASP A 189 5.96 8.07 13.64
C ASP A 189 1.04 2.50 16.88
C ASP A 189 6.00 6.78 12.83
N ASN A 190 0.98 1.81 15.75
N ASN A 190 7.17 6.21 12.67
CA ASN A 190 2.12 1.05 15.26
CA ASN A 190 7.38 4.91 11.97
C ASN A 190 2.01 1.02 13.74
C ASN A 190 6.48 3.78 12.53
N ILE A 191 3.01 1.57 13.05
N ILE A 191 5.74 3.03 11.69
CA ILE A 191 3.05 1.47 11.61
CA ILE A 191 4.79 1.92 12.07
C ILE A 191 4.22 0.57 11.14
C ILE A 191 5.26 0.62 11.42
N THR A 192 4.41 -0.51 11.88
N THR A 192 5.24 -0.50 12.15
CA THR A 192 5.25 -1.63 11.39
CA THR A 192 5.59 -1.79 11.59
C THR A 192 4.69 -2.96 11.85
C THR A 192 4.56 -2.93 11.73
N GLY A 193 4.89 -4.00 11.04
CA GLY A 193 4.29 -5.29 11.27
C GLY A 193 5.24 -6.36 10.73
N THR A 194 5.28 -7.49 11.41
CA THR A 194 6.22 -8.57 11.07
CA THR A 194 6.23 -8.54 11.07
C THR A 194 5.45 -9.78 10.59
N VAL A 195 6.06 -10.47 9.63
CA VAL A 195 5.49 -11.74 9.09
C VAL A 195 6.68 -12.68 8.95
N TYR A 196 6.48 -13.94 9.34
CA TYR A 196 7.48 -14.96 9.12
C TYR A 196 7.17 -15.59 7.77
N MET A 197 8.16 -15.62 6.87
CA MET A 197 7.96 -16.10 5.52
CA MET A 197 7.90 -16.11 5.52
C MET A 197 8.96 -17.16 5.17
N TYR A 198 8.53 -18.11 4.35
CA TYR A 198 9.37 -19.18 3.82
C TYR A 198 9.74 -18.87 2.38
N ALA A 199 11.04 -18.99 2.08
CA ALA A 199 11.57 -18.63 0.80
C ALA A 199 10.85 -19.34 -0.34
N GLY A 200 10.60 -18.59 -1.42
CA GLY A 200 10.10 -19.17 -2.64
C GLY A 200 8.61 -19.36 -2.74
N TYR A 201 7.88 -19.08 -1.68
CA TYR A 201 6.41 -19.05 -1.74
C TYR A 201 5.98 -17.62 -2.05
N TYR A 202 4.83 -17.48 -2.70
CA TYR A 202 4.29 -16.19 -3.06
C TYR A 202 3.25 -15.78 -2.02
N TYR A 203 3.52 -14.66 -1.34
CA TYR A 203 2.62 -14.20 -0.26
C TYR A 203 1.78 -13.04 -0.78
N PRO A 204 0.45 -13.20 -0.82
CA PRO A 204 -0.41 -12.07 -1.18
C PRO A 204 -0.08 -10.84 -0.33
N LEU A 205 -0.05 -9.70 -1.02
CA LEU A 205 0.28 -8.41 -0.40
C LEU A 205 -0.73 -7.39 -0.90
N LYS A 206 -1.33 -6.67 0.03
CA LYS A 206 -2.26 -5.58 -0.31
C LYS A 206 -1.86 -4.35 0.52
N VAL A 207 -1.80 -3.21 -0.16
CA VAL A 207 -1.66 -1.91 0.48
C VAL A 207 -2.88 -1.10 0.06
N VAL A 208 -3.57 -0.49 1.02
CA VAL A 208 -4.66 0.44 0.69
C VAL A 208 -4.27 1.76 1.32
N TYR A 209 -4.34 2.82 0.52
CA TYR A 209 -3.85 4.14 0.88
C TYR A 209 -4.89 5.18 0.52
N SER A 210 -5.11 6.16 1.40
CA SER A 210 -6.05 7.22 1.12
CA SER A 210 -6.01 7.27 1.10
C SER A 210 -5.40 8.59 1.47
N ASN A 211 -5.69 9.56 0.61
CA ASN A 211 -5.40 10.97 0.87
C ASN A 211 -6.73 11.72 0.76
N ALA A 212 -6.97 12.63 1.70
CA ALA A 212 -8.16 13.47 1.70
C ALA A 212 -7.91 14.90 1.26
N VAL A 213 -6.73 15.42 1.52
CA VAL A 213 -6.41 16.79 1.14
C VAL A 213 -4.93 16.93 1.00
N SER A 214 -4.52 17.85 0.14
CA SER A 214 -3.15 18.33 -0.04
C SER A 214 -2.15 17.17 -0.08
N TRP A 215 -1.12 17.24 0.76
CA TRP A 215 0.03 16.34 0.65
C TRP A 215 -0.38 14.88 0.89
N GLY A 216 0.34 13.98 0.27
CA GLY A 216 0.15 12.55 0.47
C GLY A 216 1.49 11.87 0.66
N THR A 217 1.62 11.00 1.65
CA THR A 217 2.91 10.41 1.95
C THR A 217 2.70 9.00 2.47
N LEU A 218 3.49 8.06 1.92
CA LEU A 218 3.48 6.67 2.40
C LEU A 218 4.81 6.03 1.96
N PRO A 219 5.85 6.13 2.82
CA PRO A 219 7.19 5.58 2.46
C PRO A 219 7.20 4.15 2.98
N ILE A 220 7.24 3.20 2.05
CA ILE A 220 7.11 1.77 2.36
C ILE A 220 8.49 1.11 2.31
N SER A 221 8.77 0.29 3.32
CA SER A 221 10.03 -0.42 3.45
CA SER A 221 9.99 -0.51 3.30
C SER A 221 9.75 -1.85 3.96
N VAL A 222 10.74 -2.72 3.78
CA VAL A 222 10.75 -4.01 4.46
C VAL A 222 12.19 -4.31 4.87
N GLU A 223 12.29 -4.83 6.09
CA GLU A 223 13.57 -5.36 6.61
C GLU A 223 13.54 -6.89 6.40
N LEU A 224 14.57 -7.38 5.74
CA LEU A 224 14.74 -8.77 5.42
C LEU A 224 15.30 -9.52 6.64
N PRO A 225 15.23 -10.87 6.58
CA PRO A 225 15.83 -11.67 7.67
C PRO A 225 17.31 -11.38 7.89
N ASP A 226 18.03 -11.04 6.84
CA ASP A 226 19.46 -10.77 6.97
C ASP A 226 19.75 -9.39 7.52
N GLY A 227 18.74 -8.62 7.84
CA GLY A 227 18.91 -7.30 8.45
C GLY A 227 18.96 -6.16 7.48
N THR A 228 19.03 -6.42 6.19
CA THR A 228 19.04 -5.34 5.25
C THR A 228 17.61 -4.84 5.02
N THR A 229 17.52 -3.59 4.58
CA THR A 229 16.23 -2.93 4.34
C THR A 229 16.11 -2.61 2.86
N VAL A 230 14.94 -2.88 2.32
CA VAL A 230 14.53 -2.51 0.99
C VAL A 230 13.48 -1.41 1.17
N SER A 231 13.72 -0.25 0.57
CA SER A 231 12.82 0.87 0.64
C SER A 231 12.40 1.32 -0.74
N ASP A 232 11.09 1.52 -0.92
N ASP A 232 11.11 1.64 -0.89
CA ASP A 232 10.48 2.23 -2.06
CA ASP A 232 10.52 2.20 -2.10
C ASP A 232 10.46 1.41 -3.33
C ASP A 232 10.34 1.20 -3.23
N ASN A 233 11.64 0.90 -3.74
N ASN A 233 11.45 0.87 -3.89
CA ASN A 233 11.82 0.09 -4.95
CA ASN A 233 11.40 0.07 -5.10
C ASN A 233 11.84 -1.37 -4.53
C ASN A 233 11.62 -1.40 -4.81
N PHE A 234 10.73 -2.02 -4.84
N PHE A 234 10.53 -2.16 -4.89
CA PHE A 234 10.51 -3.43 -4.51
CA PHE A 234 10.48 -3.59 -4.56
C PHE A 234 10.75 -4.37 -5.71
C PHE A 234 10.64 -4.42 -5.81
N GLU A 235 11.41 -3.92 -6.77
CA GLU A 235 11.72 -4.76 -7.90
C GLU A 235 12.49 -5.99 -7.42
N GLY A 236 12.06 -7.14 -7.91
CA GLY A 236 12.62 -8.43 -7.53
C GLY A 236 11.90 -9.10 -6.39
N TYR A 237 11.01 -8.36 -5.72
CA TYR A 237 10.26 -8.86 -4.58
C TYR A 237 8.75 -8.96 -4.84
N VAL A 238 8.20 -8.15 -5.72
CA VAL A 238 6.75 -8.10 -5.93
C VAL A 238 6.39 -8.44 -7.34
N TYR A 239 5.32 -9.23 -7.47
CA TYR A 239 4.89 -9.80 -8.73
C TYR A 239 3.38 -9.85 -8.79
N SER A 240 2.84 -9.95 -9.98
CA SER A 240 1.43 -10.17 -10.21
C SER A 240 1.21 -11.42 -11.05
N PHE A 241 0.04 -12.04 -10.86
CA PHE A 241 -0.43 -13.14 -11.69
C PHE A 241 -1.87 -12.88 -12.04
N ASP A 242 -2.24 -13.09 -13.31
CA ASP A 242 -3.64 -13.05 -13.67
C ASP A 242 -4.42 -14.10 -12.89
N ASP A 243 -5.68 -13.83 -12.57
CA ASP A 243 -6.49 -14.82 -11.84
C ASP A 243 -6.45 -16.17 -12.53
N ASP A 244 -6.44 -17.20 -11.71
CA ASP A 244 -6.73 -18.57 -12.17
C ASP A 244 -7.46 -19.28 -11.06
N LEU A 245 -8.76 -19.08 -11.03
CA LEU A 245 -9.62 -19.65 -10.03
CA LEU A 245 -9.55 -19.65 -9.97
C LEU A 245 -9.72 -21.17 -10.11
N SER A 246 -9.23 -21.75 -11.21
CA SER A 246 -9.29 -23.17 -11.47
CA SER A 246 -9.35 -23.20 -11.31
C SER A 246 -8.07 -23.93 -10.98
N GLN A 247 -7.02 -23.21 -10.55
CA GLN A 247 -5.79 -23.90 -10.16
C GLN A 247 -5.92 -24.46 -8.75
N SER A 248 -6.30 -25.72 -8.68
CA SER A 248 -6.75 -26.32 -7.42
C SER A 248 -5.68 -26.28 -6.32
N ASN A 249 -4.43 -26.47 -6.69
CA ASN A 249 -3.36 -26.60 -5.69
C ASN A 249 -2.71 -25.25 -5.36
N CYS A 250 -3.33 -24.13 -5.70
CA CYS A 250 -2.64 -22.84 -5.60
CA CYS A 250 -2.61 -22.86 -5.59
C CYS A 250 -2.38 -22.39 -4.15
N THR A 251 -3.29 -22.72 -3.24
CA THR A 251 -3.16 -22.25 -1.86
C THR A 251 -2.30 -23.20 -1.05
N ILE A 252 -1.38 -22.64 -0.29
CA ILE A 252 -0.51 -23.37 0.63
C ILE A 252 -0.88 -22.92 2.04
N PRO A 253 -1.74 -23.71 2.72
N PRO A 253 -1.91 -23.49 2.66
CA PRO A 253 -2.32 -23.27 3.99
CA PRO A 253 -2.16 -22.86 3.97
C PRO A 253 -1.25 -23.19 5.07
C PRO A 253 -0.96 -22.91 4.94
N ASP A 254 -0.09 -23.90 4.94
N ASP A 254 -0.25 -24.03 4.96
CA ASP A 254 1.04 -23.88 5.89
CA ASP A 254 0.76 -24.09 6.00
C ASP A 254 2.34 -24.20 5.15
C ASP A 254 2.15 -24.27 5.39
N PRO A 255 3.12 -23.17 4.78
N PRO A 255 2.73 -23.13 4.94
CA PRO A 255 4.35 -23.42 4.03
CA PRO A 255 4.09 -23.21 4.36
C PRO A 255 5.43 -24.22 4.75
C PRO A 255 5.14 -23.67 5.35
N SER A 256 5.42 -24.15 6.07
N SER A 256 4.84 -23.75 6.64
CA SER A 256 6.45 -24.82 6.84
CA SER A 256 5.84 -24.25 7.57
C SER A 256 6.40 -26.34 6.78
C SER A 256 6.04 -25.74 7.49
N ILE A 257 5.23 -26.84 6.41
N ILE A 257 5.15 -26.45 6.85
CA ILE A 257 5.12 -28.27 6.30
CA ILE A 257 5.32 -27.89 6.71
C ILE A 257 4.91 -28.69 4.87
C ILE A 257 5.28 -28.38 5.25
N HIS A 258 4.82 -27.68 4.04
N HIS A 258 4.85 -27.52 4.35
CA HIS A 258 4.58 -28.03 2.65
CA HIS A 258 4.61 -27.98 2.98
C HIS A 258 5.83 -28.58 2.05
C HIS A 258 5.88 -28.40 2.26
CA CA B . -3.13 14.66 3.09
NA NA C . 6.56 15.15 0.50
CL CL D . 10.74 31.78 0.28
NA NA E . 3.38 21.18 -9.32
CA CA F . -9.56 -18.29 2.12
C1 MAN G . -2.39 18.96 6.65
C2 MAN G . -1.56 18.23 5.63
C3 MAN G . -2.45 17.26 4.91
C4 MAN G . -3.22 16.38 5.87
C5 MAN G . -4.03 17.27 6.78
C6 MAN G . -5.19 16.73 7.55
O1 MAN G . -3.23 19.88 6.00
O2 MAN G . -0.57 17.53 6.31
O3 MAN G . -1.74 16.48 3.97
O4 MAN G . -4.12 15.58 5.10
O5 MAN G . -3.14 18.14 7.49
O6 MAN G . -4.38 16.03 8.43
H2 MAN G . -1.08 18.96 4.98
H3 MAN G . -3.23 17.82 4.40
H4 MAN G . -2.52 15.74 6.39
H5 MAN G . -4.53 18.02 6.18
H61 MAN G . -5.92 16.31 6.84
H62 MAN G . -5.69 17.55 8.08
HO1 MAN G . -3.66 20.44 6.75
HO2 MAN G . -0.70 16.61 6.20
HO3 MAN G . -1.89 15.58 4.18
HO4 MAN G . -4.92 16.10 4.88
HO6 MAN G . -4.20 16.58 9.22
C1 BMA H . -2.39 18.96 6.65
C2 BMA H . -1.56 18.23 5.63
C3 BMA H . -2.45 17.26 4.91
C4 BMA H . -3.22 16.38 5.87
C5 BMA H . -4.03 17.27 6.78
C6 BMA H . -4.91 16.46 7.72
O1 BMA H . -1.59 19.82 7.40
O2 BMA H . -0.57 17.53 6.31
O3 BMA H . -1.74 16.48 3.97
O4 BMA H . -4.12 15.58 5.10
O5 BMA H . -3.14 18.14 7.49
O6 BMA H . -5.12 17.00 9.00
H2 BMA H . -1.08 18.96 4.98
H3 BMA H . -3.23 17.82 4.40
H4 BMA H . -2.52 15.74 6.39
H5 BMA H . -4.53 18.02 6.18
H61 BMA H . -4.46 15.48 7.89
H62 BMA H . -5.89 16.29 7.24
HO1 BMA H . -1.60 20.28 7.99
HO2 BMA H . -0.70 16.61 6.20
HO3 BMA H . -1.89 15.58 4.18
HO4 BMA H . -4.92 16.10 4.88
HO6 BMA H . -4.48 17.74 9.15
C1 BMA I . 5.48 6.18 -9.97
C2 BMA I . 6.95 6.53 -9.73
C3 BMA I . 7.36 5.88 -8.42
C4 BMA I . 6.40 6.25 -7.30
C5 BMA I . 4.98 5.93 -7.73
C6 BMA I . 3.87 6.33 -6.77
O1 BMA I . 5.05 6.79 -11.18
O2 BMA I . 7.10 7.93 -9.69
O3 BMA I . 8.67 6.32 -8.12
O4 BMA I . 6.79 5.46 -6.17
O5 BMA I . 4.67 6.68 -8.88
O6 BMA I . 3.85 7.66 -6.44
H1 BMA I . 5.37 5.10 -10.05
H2 BMA I . 7.54 6.12 -10.56
H3 BMA I . 7.37 4.80 -8.55
H4 BMA I . 6.54 7.31 -7.06
H5 BMA I . 4.91 4.86 -7.90
H61 BMA I . 2.90 6.13 -7.23
H62 BMA I . 3.95 5.73 -5.86
HO1 BMA I . 4.10 6.69 -11.25
HO2 BMA I . 7.46 8.21 -8.79
HO3 BMA I . 8.69 6.79 -7.22
HO4 BMA I . 6.07 4.91 -5.90
HO6 BMA I . 3.88 8.20 -7.26
#